data_8D04
#
_entry.id   8D04
#
_cell.length_a   67.910
_cell.length_b   67.910
_cell.length_c   228.407
_cell.angle_alpha   90.000
_cell.angle_beta   90.000
_cell.angle_gamma   120.000
#
_symmetry.space_group_name_H-M   'P 65'
#
_entity_poly.entity_id   1
_entity_poly.type   'polypeptide(L)'
_entity_poly.pdbx_seq_one_letter_code
;MSGMARVEYSYEKLNDTHYKLKLKVTYEYRKSPEARRLAEDLVQAFVDALSSLPFITVEYEVEEVEVEGS
;
_entity_poly.pdbx_strand_id   B,A,E,F,C,D
#
# COMPACT_ATOMS: atom_id res chain seq x y z
N GLY A 3 -36.05 14.80 -8.60
CA GLY A 3 -36.77 14.78 -7.30
C GLY A 3 -35.84 14.90 -6.11
N MET A 4 -36.39 15.33 -4.98
CA MET A 4 -35.59 15.51 -3.77
C MET A 4 -35.31 14.15 -3.12
N ALA A 5 -34.20 14.10 -2.39
CA ALA A 5 -33.81 12.90 -1.66
C ALA A 5 -33.21 13.30 -0.33
N ARG A 6 -33.25 12.38 0.63
CA ARG A 6 -32.82 12.66 1.99
C ARG A 6 -32.22 11.39 2.58
N VAL A 7 -31.09 11.56 3.28
CA VAL A 7 -30.37 10.45 3.88
C VAL A 7 -30.16 10.78 5.36
N GLU A 8 -30.99 10.20 6.23
CA GLU A 8 -30.76 10.27 7.66
C GLU A 8 -29.70 9.23 8.06
N TYR A 9 -29.07 9.46 9.20
CA TYR A 9 -27.94 8.62 9.58
C TYR A 9 -27.70 8.66 11.08
N SER A 10 -27.17 7.56 11.59
CA SER A 10 -26.70 7.46 12.96
C SER A 10 -25.58 6.43 12.98
N TYR A 11 -24.90 6.32 14.12
CA TYR A 11 -23.80 5.37 14.23
C TYR A 11 -23.50 5.13 15.70
N GLU A 12 -22.71 4.09 15.96
CA GLU A 12 -22.25 3.77 17.30
C GLU A 12 -20.87 3.14 17.19
N LYS A 13 -20.09 3.26 18.26
CA LYS A 13 -18.74 2.71 18.28
C LYS A 13 -18.77 1.23 18.61
N LEU A 14 -18.12 0.42 17.78
CA LEU A 14 -17.84 -0.98 18.10
C LEU A 14 -16.41 -1.12 18.63
N ASN A 15 -15.43 -0.65 17.87
CA ASN A 15 -14.06 -0.48 18.37
C ASN A 15 -13.67 0.98 18.18
N ASP A 16 -12.37 1.27 18.22
CA ASP A 16 -11.85 2.55 17.79
C ASP A 16 -11.55 2.57 16.30
N THR A 17 -11.68 1.43 15.62
CA THR A 17 -11.57 1.33 14.17
C THR A 17 -12.84 0.84 13.51
N HIS A 18 -13.48 -0.18 14.07
CA HIS A 18 -14.73 -0.71 13.53
C HIS A 18 -15.91 0.12 14.01
N TYR A 19 -16.82 0.43 13.09
CA TYR A 19 -17.99 1.26 13.40
C TYR A 19 -19.22 0.66 12.73
N LYS A 20 -20.38 1.03 13.28
CA LYS A 20 -21.68 0.57 12.79
C LYS A 20 -22.45 1.79 12.31
N LEU A 21 -22.69 1.86 11.00
CA LEU A 21 -23.36 3.00 10.38
C LEU A 21 -24.79 2.62 10.01
N LYS A 22 -25.75 3.42 10.46
CA LYS A 22 -27.15 3.25 10.14
C LYS A 22 -27.60 4.35 9.20
N LEU A 23 -28.38 3.99 8.18
CA LEU A 23 -28.82 4.93 7.18
C LEU A 23 -30.30 4.72 6.89
N LYS A 24 -31.00 5.81 6.61
CA LYS A 24 -32.38 5.78 6.13
C LYS A 24 -32.49 6.72 4.94
N VAL A 25 -32.73 6.14 3.76
CA VAL A 25 -32.80 6.90 2.52
C VAL A 25 -34.26 7.05 2.11
N THR A 26 -34.67 8.29 1.85
CA THR A 26 -36.00 8.59 1.32
C THR A 26 -35.84 9.39 0.04
N TYR A 27 -36.67 9.10 -0.96
CA TYR A 27 -36.56 9.77 -2.24
C TYR A 27 -37.90 9.71 -2.96
N GLU A 28 -38.03 10.58 -3.96
CA GLU A 28 -39.15 10.58 -4.89
C GLU A 28 -38.59 10.62 -6.30
N TYR A 29 -39.31 9.99 -7.24
CA TYR A 29 -38.84 9.89 -8.61
C TYR A 29 -39.59 10.79 -9.58
N ARG A 30 -40.66 11.45 -9.14
CA ARG A 30 -41.37 12.43 -9.97
C ARG A 30 -41.83 11.79 -11.29
N LYS A 31 -42.48 10.63 -11.18
CA LYS A 31 -43.06 9.93 -12.31
C LYS A 31 -42.02 9.47 -13.34
N SER A 32 -40.73 9.53 -12.99
CA SER A 32 -39.68 9.19 -13.94
C SER A 32 -39.17 7.78 -13.65
N PRO A 33 -39.36 6.82 -14.54
CA PRO A 33 -38.77 5.49 -14.30
C PRO A 33 -37.25 5.52 -14.22
N GLU A 34 -36.60 6.38 -14.99
CA GLU A 34 -35.14 6.46 -14.96
C GLU A 34 -34.65 6.95 -13.60
N ALA A 35 -35.34 7.94 -13.03
CA ALA A 35 -34.94 8.46 -11.73
C ALA A 35 -35.09 7.41 -10.64
N ARG A 36 -36.17 6.61 -10.71
CA ARG A 36 -36.41 5.60 -9.69
C ARG A 36 -35.30 4.55 -9.67
N ARG A 37 -34.99 3.98 -10.84
CA ARG A 37 -33.93 2.98 -10.90
C ARG A 37 -32.58 3.60 -10.54
N LEU A 38 -32.32 4.82 -11.01
CA LEU A 38 -31.06 5.48 -10.69
C LEU A 38 -30.92 5.69 -9.19
N ALA A 39 -32.00 6.10 -8.52
CA ALA A 39 -31.96 6.25 -7.07
C ALA A 39 -31.62 4.93 -6.40
N GLU A 40 -32.18 3.82 -6.90
CA GLU A 40 -31.93 2.52 -6.29
C GLU A 40 -30.53 2.02 -6.61
N ASP A 41 -30.06 2.20 -7.84
CA ASP A 41 -28.70 1.79 -8.17
C ASP A 41 -27.68 2.60 -7.37
N LEU A 42 -27.92 3.91 -7.21
CA LEU A 42 -27.03 4.72 -6.40
C LEU A 42 -27.00 4.22 -4.95
N VAL A 43 -28.16 3.89 -4.39
CA VAL A 43 -28.21 3.39 -3.02
C VAL A 43 -27.45 2.07 -2.93
N GLN A 44 -27.67 1.16 -3.88
CA GLN A 44 -26.98 -0.12 -3.86
C GLN A 44 -25.47 0.06 -4.01
N ALA A 45 -25.05 1.04 -4.82
CA ALA A 45 -23.62 1.26 -5.01
C ALA A 45 -22.96 1.77 -3.74
N PHE A 46 -23.55 2.80 -3.11
CA PHE A 46 -23.01 3.30 -1.85
C PHE A 46 -22.97 2.22 -0.78
N VAL A 47 -24.05 1.44 -0.67
CA VAL A 47 -24.14 0.42 0.38
C VAL A 47 -23.10 -0.66 0.17
N ASP A 48 -22.99 -1.19 -1.06
CA ASP A 48 -22.02 -2.24 -1.33
C ASP A 48 -20.60 -1.74 -1.11
N ALA A 49 -20.34 -0.48 -1.43
CA ALA A 49 -19.00 0.08 -1.21
C ALA A 49 -18.71 0.24 0.28
N LEU A 50 -19.65 0.83 1.02
CA LEU A 50 -19.43 1.04 2.45
C LEU A 50 -19.36 -0.28 3.20
N SER A 51 -20.21 -1.25 2.84
CA SER A 51 -20.23 -2.53 3.53
C SER A 51 -19.01 -3.39 3.20
N SER A 52 -18.31 -3.10 2.10
CA SER A 52 -17.07 -3.80 1.80
C SER A 52 -15.88 -3.22 2.57
N LEU A 53 -16.03 -2.04 3.16
CA LEU A 53 -14.98 -1.49 4.01
C LEU A 53 -14.89 -2.31 5.30
N PRO A 54 -13.72 -2.87 5.63
CA PRO A 54 -13.64 -3.70 6.85
C PRO A 54 -13.90 -2.93 8.13
N PHE A 55 -13.73 -1.61 8.12
CA PHE A 55 -13.95 -0.79 9.31
C PHE A 55 -15.35 -0.19 9.36
N ILE A 56 -16.30 -0.75 8.61
CA ILE A 56 -17.67 -0.24 8.58
C ILE A 56 -18.62 -1.41 8.37
N THR A 57 -19.65 -1.48 9.20
CA THR A 57 -20.82 -2.34 8.97
C THR A 57 -22.02 -1.44 8.74
N VAL A 58 -22.81 -1.74 7.72
CA VAL A 58 -23.90 -0.88 7.26
C VAL A 58 -25.22 -1.57 7.54
N GLU A 59 -26.14 -0.83 8.16
CA GLU A 59 -27.55 -1.19 8.23
C GLU A 59 -28.33 -0.04 7.64
N TYR A 60 -29.30 -0.34 6.77
CA TYR A 60 -29.99 0.73 6.06
C TYR A 60 -31.40 0.28 5.70
N GLU A 61 -32.24 1.29 5.43
CA GLU A 61 -33.56 1.06 4.86
C GLU A 61 -33.83 2.17 3.85
N VAL A 62 -34.67 1.84 2.87
CA VAL A 62 -35.02 2.78 1.80
C VAL A 62 -36.53 2.92 1.79
N GLU A 63 -37.00 4.17 1.68
CA GLU A 63 -38.43 4.47 1.68
C GLU A 63 -38.73 5.40 0.51
N GLU A 64 -39.79 5.09 -0.23
CA GLU A 64 -40.25 5.92 -1.33
C GLU A 64 -41.37 6.85 -0.85
N VAL A 65 -41.41 8.04 -1.43
CA VAL A 65 -42.43 9.03 -1.08
C VAL A 65 -42.96 9.70 -2.34
N GLY B 3 -31.13 4.54 -14.21
CA GLY B 3 -29.85 4.42 -14.94
C GLY B 3 -28.93 3.37 -14.37
N MET B 4 -27.68 3.74 -14.14
CA MET B 4 -26.67 2.86 -13.58
C MET B 4 -25.67 3.68 -12.80
N ALA B 5 -25.15 3.12 -11.72
CA ALA B 5 -24.25 3.83 -10.84
C ALA B 5 -23.15 2.91 -10.35
N ARG B 6 -22.01 3.50 -10.02
CA ARG B 6 -20.85 2.79 -9.52
C ARG B 6 -20.16 3.64 -8.45
N VAL B 7 -19.64 2.98 -7.42
CA VAL B 7 -18.88 3.65 -6.36
C VAL B 7 -17.67 2.78 -6.05
N GLU B 8 -16.48 3.25 -6.44
CA GLU B 8 -15.22 2.66 -6.03
C GLU B 8 -14.50 3.63 -5.12
N TYR B 9 -13.57 3.11 -4.32
CA TYR B 9 -12.98 3.88 -3.24
C TYR B 9 -11.48 3.62 -3.15
N SER B 10 -10.82 4.54 -2.45
CA SER B 10 -9.47 4.35 -1.94
C SER B 10 -9.48 4.79 -0.48
N TYR B 11 -8.76 4.06 0.36
CA TYR B 11 -8.66 4.44 1.76
C TYR B 11 -7.25 4.19 2.27
N GLU B 12 -6.88 4.95 3.30
CA GLU B 12 -5.54 4.94 3.85
C GLU B 12 -5.62 4.95 5.37
N LYS B 13 -4.74 4.19 6.02
CA LYS B 13 -4.72 4.08 7.47
C LYS B 13 -3.30 4.34 7.95
N LEU B 14 -3.12 5.44 8.68
CA LEU B 14 -1.85 5.79 9.29
C LEU B 14 -1.95 5.61 10.80
N ASN B 15 -0.80 5.69 11.47
CA ASN B 15 -0.76 5.45 12.90
C ASN B 15 -1.51 6.54 13.65
N ASP B 16 -2.42 6.13 14.54
CA ASP B 16 -3.21 7.00 15.39
C ASP B 16 -4.04 8.00 14.59
N THR B 17 -4.15 7.83 13.28
CA THR B 17 -4.94 8.69 12.42
C THR B 17 -6.14 7.91 11.92
N HIS B 18 -7.33 8.46 12.12
CA HIS B 18 -8.54 7.81 11.63
C HIS B 18 -8.44 7.58 10.13
N TYR B 19 -9.18 6.57 9.66
CA TYR B 19 -9.15 6.23 8.25
C TYR B 19 -9.50 7.44 7.39
N LYS B 20 -8.76 7.62 6.30
CA LYS B 20 -9.09 8.59 5.27
C LYS B 20 -9.70 7.83 4.09
N LEU B 21 -10.84 8.30 3.61
CA LEU B 21 -11.59 7.62 2.57
C LEU B 21 -11.85 8.57 1.42
N LYS B 22 -11.64 8.10 0.20
CA LYS B 22 -11.99 8.84 -1.01
C LYS B 22 -12.93 7.98 -1.85
N LEU B 23 -14.10 8.52 -2.16
CA LEU B 23 -15.11 7.84 -2.95
C LEU B 23 -15.17 8.46 -4.34
N LYS B 24 -15.21 7.60 -5.36
CA LYS B 24 -15.39 8.02 -6.74
C LYS B 24 -16.79 7.58 -7.17
N VAL B 25 -17.70 8.54 -7.32
CA VAL B 25 -19.10 8.28 -7.63
C VAL B 25 -19.33 8.57 -9.10
N THR B 26 -19.70 7.55 -9.86
CA THR B 26 -20.00 7.67 -11.28
C THR B 26 -21.40 7.13 -11.53
N TYR B 27 -22.22 7.91 -12.23
CA TYR B 27 -23.59 7.50 -12.52
C TYR B 27 -24.05 8.12 -13.82
N GLU B 28 -24.95 7.41 -14.50
CA GLU B 28 -25.59 7.88 -15.72
C GLU B 28 -27.06 8.16 -15.43
N TYR B 29 -27.56 9.28 -15.96
CA TYR B 29 -28.96 9.66 -15.78
C TYR B 29 -29.80 9.46 -17.03
N ARG B 30 -29.24 8.89 -18.09
CA ARG B 30 -29.99 8.54 -19.29
C ARG B 30 -30.79 9.73 -19.83
N LYS B 31 -30.18 10.91 -19.79
CA LYS B 31 -30.75 12.13 -20.36
C LYS B 31 -32.09 12.48 -19.75
N SER B 32 -32.36 12.02 -18.53
CA SER B 32 -33.61 12.35 -17.86
C SER B 32 -33.37 13.48 -16.86
N PRO B 33 -34.10 14.59 -16.94
CA PRO B 33 -33.88 15.67 -15.96
C PRO B 33 -34.26 15.30 -14.54
N GLU B 34 -35.30 14.49 -14.36
CA GLU B 34 -35.68 14.07 -13.01
C GLU B 34 -34.61 13.16 -12.40
N ALA B 35 -34.02 12.28 -13.22
CA ALA B 35 -32.97 11.41 -12.71
C ALA B 35 -31.71 12.19 -12.37
N ARG B 36 -31.41 13.23 -13.16
CA ARG B 36 -30.26 14.06 -12.86
C ARG B 36 -30.46 14.84 -11.57
N ARG B 37 -31.61 15.48 -11.41
CA ARG B 37 -31.94 16.15 -10.16
C ARG B 37 -31.89 15.17 -8.99
N LEU B 38 -32.51 14.01 -9.16
CA LEU B 38 -32.56 13.04 -8.06
C LEU B 38 -31.18 12.47 -7.75
N ALA B 39 -30.37 12.24 -8.78
CA ALA B 39 -29.02 11.72 -8.54
C ALA B 39 -28.17 12.74 -7.77
N GLU B 40 -28.25 14.02 -8.17
CA GLU B 40 -27.48 15.04 -7.49
C GLU B 40 -27.96 15.24 -6.06
N ASP B 41 -29.27 15.17 -5.84
CA ASP B 41 -29.79 15.31 -4.47
C ASP B 41 -29.42 14.12 -3.61
N LEU B 42 -29.43 12.92 -4.19
CA LEU B 42 -29.13 11.72 -3.40
C LEU B 42 -27.65 11.59 -3.11
N VAL B 43 -26.79 11.85 -4.11
CA VAL B 43 -25.36 11.82 -3.88
C VAL B 43 -24.97 12.87 -2.84
N GLN B 44 -25.54 14.07 -2.96
CA GLN B 44 -25.28 15.10 -1.96
C GLN B 44 -25.76 14.67 -0.59
N ALA B 45 -26.91 13.99 -0.52
CA ALA B 45 -27.42 13.52 0.76
C ALA B 45 -26.49 12.47 1.36
N PHE B 46 -25.94 11.58 0.53
CA PHE B 46 -24.95 10.64 1.02
C PHE B 46 -23.67 11.36 1.43
N VAL B 47 -23.32 12.42 0.71
CA VAL B 47 -22.13 13.21 1.06
C VAL B 47 -22.27 13.77 2.47
N ASP B 48 -23.40 14.42 2.74
CA ASP B 48 -23.60 15.02 4.06
C ASP B 48 -23.60 13.97 5.16
N ALA B 49 -24.08 12.77 4.86
CA ALA B 49 -24.13 11.72 5.88
C ALA B 49 -22.74 11.19 6.20
N LEU B 50 -21.91 11.00 5.17
CA LEU B 50 -20.60 10.40 5.37
C LEU B 50 -19.58 11.40 5.89
N SER B 51 -19.67 12.66 5.43
CA SER B 51 -18.75 13.68 5.94
C SER B 51 -18.98 13.95 7.43
N SER B 52 -20.23 13.85 7.89
CA SER B 52 -20.53 14.11 9.29
C SER B 52 -19.86 13.10 10.21
N LEU B 53 -19.53 11.91 9.71
CA LEU B 53 -18.89 10.89 10.53
C LEU B 53 -17.53 11.40 11.01
N PRO B 54 -17.34 11.58 12.32
CA PRO B 54 -16.10 12.23 12.79
C PRO B 54 -14.88 11.32 12.83
N PHE B 55 -15.07 10.00 12.93
CA PHE B 55 -13.94 9.07 13.02
C PHE B 55 -13.54 8.54 11.64
N ILE B 56 -13.71 9.35 10.60
CA ILE B 56 -13.26 9.01 9.25
C ILE B 56 -13.26 10.29 8.44
N THR B 57 -12.25 10.44 7.59
CA THR B 57 -12.14 11.59 6.70
C THR B 57 -12.56 11.16 5.30
N VAL B 58 -13.51 11.88 4.71
CA VAL B 58 -14.14 11.49 3.45
C VAL B 58 -13.83 12.57 2.40
N GLU B 59 -13.39 12.12 1.23
CA GLU B 59 -13.18 12.96 0.06
C GLU B 59 -14.02 12.41 -1.09
N TYR B 60 -14.41 13.29 -2.00
CA TYR B 60 -15.41 12.95 -3.01
C TYR B 60 -14.94 13.30 -4.41
N GLU B 61 -15.41 12.50 -5.37
CA GLU B 61 -15.30 12.82 -6.80
C GLU B 61 -16.56 12.26 -7.46
N VAL B 62 -17.38 13.15 -8.00
CA VAL B 62 -18.63 12.77 -8.66
C VAL B 62 -18.47 12.97 -10.16
N GLU B 63 -18.97 12.01 -10.93
CA GLU B 63 -18.82 11.99 -12.38
C GLU B 63 -20.19 11.70 -12.99
N GLU B 64 -20.78 12.72 -13.63
CA GLU B 64 -22.03 12.54 -14.34
C GLU B 64 -21.78 12.02 -15.75
N VAL B 65 -22.71 11.19 -16.23
CA VAL B 65 -22.67 10.66 -17.59
C VAL B 65 -24.06 10.82 -18.18
N GLU B 66 -24.14 11.33 -19.40
CA GLU B 66 -25.44 11.57 -20.02
C GLU B 66 -26.13 10.25 -20.36
N VAL B 67 -25.40 9.31 -20.96
CA VAL B 67 -25.96 8.04 -21.41
C VAL B 67 -24.83 6.99 -21.41
N GLU B 68 -25.22 5.72 -21.52
CA GLU B 68 -24.25 4.63 -21.52
C GLU B 68 -23.18 4.85 -22.59
N GLY C 3 16.77 -2.79 -14.50
CA GLY C 3 15.75 -1.73 -14.29
C GLY C 3 16.34 -0.34 -14.26
N MET C 4 15.99 0.43 -13.24
CA MET C 4 16.53 1.77 -13.06
C MET C 4 16.39 2.14 -11.59
N ALA C 5 17.37 2.88 -11.08
CA ALA C 5 17.41 3.23 -9.67
C ALA C 5 17.95 4.65 -9.51
N ARG C 6 17.54 5.29 -8.42
CA ARG C 6 17.96 6.64 -8.11
C ARG C 6 18.19 6.76 -6.61
N VAL C 7 19.22 7.51 -6.23
CA VAL C 7 19.56 7.74 -4.84
C VAL C 7 19.75 9.25 -4.67
N GLU C 8 18.80 9.88 -3.99
CA GLU C 8 18.89 11.29 -3.61
C GLU C 8 19.19 11.38 -2.12
N TYR C 9 19.73 12.52 -1.70
CA TYR C 9 20.12 12.64 -0.30
C TYR C 9 19.90 14.05 0.22
N SER C 10 19.90 14.14 1.55
CA SER C 10 20.01 15.38 2.29
C SER C 10 20.94 15.13 3.47
N TYR C 11 21.59 16.17 3.96
CA TYR C 11 22.43 16.00 5.13
C TYR C 11 22.47 17.29 5.93
N GLU C 12 22.82 17.14 7.21
CA GLU C 12 22.90 18.24 8.16
C GLU C 12 24.16 18.07 8.99
N LYS C 13 24.79 19.19 9.33
CA LYS C 13 26.01 19.17 10.14
C LYS C 13 25.60 19.22 11.61
N LEU C 14 25.52 18.04 12.24
CA LEU C 14 25.19 17.97 13.66
C LEU C 14 26.26 18.67 14.48
N ASN C 15 27.45 18.08 14.54
CA ASN C 15 28.62 18.68 15.17
C ASN C 15 29.69 18.93 14.10
N ASP C 16 30.82 19.46 14.53
CA ASP C 16 31.96 19.59 13.64
C ASP C 16 32.59 18.25 13.30
N THR C 17 32.17 17.17 13.96
CA THR C 17 32.74 15.85 13.76
C THR C 17 31.81 14.87 13.06
N HIS C 18 30.49 15.06 13.16
CA HIS C 18 29.53 14.08 12.66
C HIS C 18 28.46 14.76 11.81
N TYR C 19 28.00 14.06 10.78
CA TYR C 19 26.93 14.49 9.92
C TYR C 19 25.71 13.59 10.11
N LYS C 20 24.56 14.07 9.62
CA LYS C 20 23.32 13.30 9.62
C LYS C 20 22.88 13.15 8.17
N LEU C 21 22.95 11.94 7.65
CA LEU C 21 22.68 11.68 6.23
C LEU C 21 21.29 11.07 6.08
N LYS C 22 20.49 11.65 5.18
CA LYS C 22 19.15 11.15 4.86
C LYS C 22 19.16 10.73 3.39
N LEU C 23 19.01 9.44 3.15
CA LEU C 23 19.00 8.87 1.81
C LEU C 23 17.58 8.50 1.40
N LYS C 24 17.25 8.74 0.14
CA LYS C 24 16.00 8.26 -0.45
C LYS C 24 16.34 7.45 -1.70
N VAL C 25 15.97 6.18 -1.69
CA VAL C 25 16.24 5.26 -2.79
C VAL C 25 14.93 4.93 -3.47
N THR C 26 14.90 5.04 -4.79
CA THR C 26 13.76 4.67 -5.60
C THR C 26 14.22 3.74 -6.71
N TYR C 27 13.42 2.72 -7.00
CA TYR C 27 13.83 1.74 -8.01
C TYR C 27 12.60 1.09 -8.62
N GLU C 28 12.79 0.55 -9.82
CA GLU C 28 11.81 -0.27 -10.49
C GLU C 28 12.45 -1.63 -10.79
N TYR C 29 11.63 -2.68 -10.76
CA TYR C 29 12.13 -4.04 -10.96
C TYR C 29 11.56 -4.73 -12.20
N ARG C 30 10.75 -4.03 -12.99
CA ARG C 30 10.24 -4.57 -14.26
C ARG C 30 9.64 -5.96 -14.09
N LYS C 31 8.74 -6.08 -13.12
CA LYS C 31 8.00 -7.33 -12.87
C LYS C 31 8.95 -8.53 -12.69
N SER C 32 10.20 -8.29 -12.31
CA SER C 32 11.16 -9.37 -12.11
C SER C 32 11.34 -9.62 -10.62
N PRO C 33 10.90 -10.77 -10.10
CA PRO C 33 11.12 -11.03 -8.66
C PRO C 33 12.58 -11.07 -8.28
N GLU C 34 13.46 -11.53 -9.17
CA GLU C 34 14.89 -11.54 -8.87
C GLU C 34 15.42 -10.13 -8.72
N ALA C 35 15.03 -9.22 -9.61
CA ALA C 35 15.49 -7.84 -9.52
C ALA C 35 14.98 -7.17 -8.25
N ARG C 36 13.72 -7.41 -7.90
CA ARG C 36 13.16 -6.81 -6.70
C ARG C 36 13.93 -7.27 -5.47
N ARG C 37 14.16 -8.57 -5.35
CA ARG C 37 14.92 -9.11 -4.22
C ARG C 37 16.34 -8.56 -4.20
N LEU C 38 17.01 -8.57 -5.37
CA LEU C 38 18.41 -8.16 -5.42
C LEU C 38 18.58 -6.69 -5.03
N ALA C 39 17.73 -5.82 -5.57
CA ALA C 39 17.80 -4.40 -5.22
C ALA C 39 17.67 -4.20 -3.71
N GLU C 40 16.74 -4.93 -3.09
CA GLU C 40 16.54 -4.78 -1.64
C GLU C 40 17.73 -5.27 -0.85
N ASP C 41 18.33 -6.40 -1.26
CA ASP C 41 19.52 -6.88 -0.58
C ASP C 41 20.70 -5.94 -0.80
N LEU C 42 20.74 -5.26 -1.95
CA LEU C 42 21.82 -4.30 -2.20
C LEU C 42 21.65 -3.06 -1.34
N VAL C 43 20.44 -2.51 -1.29
CA VAL C 43 20.19 -1.33 -0.45
C VAL C 43 20.52 -1.66 1.01
N GLN C 44 20.09 -2.83 1.48
CA GLN C 44 20.38 -3.23 2.86
C GLN C 44 21.88 -3.34 3.10
N ALA C 45 22.60 -3.94 2.15
CA ALA C 45 24.04 -4.09 2.32
C ALA C 45 24.74 -2.73 2.31
N PHE C 46 24.32 -1.82 1.44
CA PHE C 46 24.96 -0.51 1.37
C PHE C 46 24.73 0.28 2.66
N VAL C 47 23.49 0.32 3.14
CA VAL C 47 23.20 1.10 4.35
C VAL C 47 23.87 0.47 5.56
N ASP C 48 23.87 -0.86 5.64
CA ASP C 48 24.56 -1.54 6.75
C ASP C 48 26.03 -1.14 6.80
N ALA C 49 26.64 -0.86 5.65
CA ALA C 49 28.02 -0.42 5.62
C ALA C 49 28.14 1.07 5.96
N LEU C 50 27.25 1.89 5.42
CA LEU C 50 27.30 3.33 5.68
C LEU C 50 27.06 3.64 7.16
N SER C 51 26.09 2.97 7.77
CA SER C 51 25.78 3.22 9.17
C SER C 51 26.91 2.76 10.11
N SER C 52 27.85 1.95 9.63
CA SER C 52 28.99 1.55 10.43
C SER C 52 30.09 2.61 10.45
N LEU C 53 29.92 3.72 9.75
CA LEU C 53 30.93 4.78 9.77
C LEU C 53 30.68 5.70 10.96
N PRO C 54 31.70 6.01 11.77
CA PRO C 54 31.45 6.80 12.99
C PRO C 54 31.07 8.25 12.75
N PHE C 55 31.27 8.78 11.54
CA PHE C 55 31.12 10.20 11.29
C PHE C 55 29.82 10.55 10.58
N ILE C 56 28.90 9.60 10.44
CA ILE C 56 27.60 9.86 9.83
C ILE C 56 26.54 9.07 10.60
N THR C 57 25.37 9.68 10.78
CA THR C 57 24.17 8.99 11.23
C THR C 57 23.25 8.82 10.02
N VAL C 58 23.00 7.57 9.63
CA VAL C 58 22.30 7.26 8.40
C VAL C 58 20.84 6.96 8.72
N GLU C 59 19.95 7.71 8.08
CA GLU C 59 18.52 7.41 8.03
C GLU C 59 18.12 7.38 6.57
N TYR C 60 17.30 6.40 6.18
CA TYR C 60 17.03 6.22 4.76
C TYR C 60 15.58 5.80 4.53
N GLU C 61 15.15 5.99 3.29
CA GLU C 61 13.81 5.61 2.84
C GLU C 61 13.94 4.93 1.49
N VAL C 62 13.17 3.86 1.32
CA VAL C 62 13.11 3.13 0.05
C VAL C 62 11.69 3.19 -0.47
N GLU C 63 11.55 3.46 -1.76
CA GLU C 63 10.23 3.56 -2.38
C GLU C 63 10.26 2.87 -3.74
N GLU C 64 9.34 1.93 -3.94
CA GLU C 64 9.20 1.28 -5.23
C GLU C 64 8.40 2.17 -6.17
N VAL C 65 8.91 2.33 -7.39
CA VAL C 65 8.23 3.14 -8.40
C VAL C 65 7.93 2.25 -9.60
N GLU C 66 7.63 0.98 -9.34
CA GLU C 66 7.23 0.07 -10.41
C GLU C 66 6.03 0.62 -11.17
N VAL C 67 5.03 1.09 -10.44
CA VAL C 67 3.83 1.65 -11.06
C VAL C 67 3.41 2.92 -10.33
N GLY D 3 -9.70 -11.33 -10.69
CA GLY D 3 -9.18 -10.18 -11.49
C GLY D 3 -7.67 -10.09 -11.48
N MET D 4 -7.15 -8.94 -11.08
CA MET D 4 -5.72 -8.69 -10.98
C MET D 4 -5.48 -7.84 -9.75
N ALA D 5 -4.29 -8.00 -9.15
CA ALA D 5 -3.95 -7.28 -7.94
C ALA D 5 -2.47 -6.94 -7.95
N ARG D 6 -2.14 -5.82 -7.30
CA ARG D 6 -0.76 -5.38 -7.18
C ARG D 6 -0.53 -4.92 -5.75
N VAL D 7 0.66 -5.18 -5.24
CA VAL D 7 1.08 -4.73 -3.91
C VAL D 7 2.46 -4.12 -4.07
N GLU D 8 2.56 -2.81 -3.85
CA GLU D 8 3.81 -2.07 -3.87
C GLU D 8 4.06 -1.52 -2.48
N TYR D 9 5.33 -1.19 -2.19
CA TYR D 9 5.63 -0.73 -0.85
C TYR D 9 6.74 0.30 -0.85
N SER D 10 6.79 1.05 0.25
CA SER D 10 7.93 1.88 0.62
C SER D 10 8.15 1.69 2.11
N TYR D 11 9.38 1.90 2.56
CA TYR D 11 9.65 1.80 3.99
C TYR D 11 10.73 2.80 4.37
N GLU D 12 10.81 3.06 5.67
CA GLU D 12 11.67 4.09 6.23
C GLU D 12 12.30 3.54 7.50
N LYS D 13 13.55 3.92 7.75
CA LYS D 13 14.31 3.44 8.90
C LYS D 13 15.04 4.62 9.51
N LEU D 14 14.68 4.99 10.74
CA LEU D 14 15.36 6.03 11.49
C LEU D 14 16.28 5.39 12.53
N ASN D 15 17.11 6.23 13.14
CA ASN D 15 18.15 5.76 14.04
C ASN D 15 17.62 4.82 15.12
N ASP D 16 16.79 5.33 16.03
CA ASP D 16 16.27 4.53 17.13
C ASP D 16 14.79 4.20 16.92
N THR D 17 14.44 3.73 15.72
CA THR D 17 13.08 3.33 15.42
C THR D 17 13.10 2.03 14.62
N HIS D 18 12.05 1.23 14.83
CA HIS D 18 11.86 0.04 14.00
C HIS D 18 11.57 0.45 12.56
N TYR D 19 11.70 -0.51 11.66
CA TYR D 19 11.32 -0.27 10.27
C TYR D 19 9.85 0.11 10.18
N LYS D 20 9.56 1.08 9.32
CA LYS D 20 8.20 1.56 9.11
C LYS D 20 7.82 1.21 7.67
N LEU D 21 6.97 0.20 7.52
CA LEU D 21 6.57 -0.30 6.21
C LEU D 21 5.22 0.29 5.81
N LYS D 22 5.12 0.72 4.55
CA LYS D 22 3.88 1.23 3.99
C LYS D 22 3.54 0.42 2.75
N LEU D 23 2.36 -0.20 2.76
CA LEU D 23 1.90 -1.04 1.66
C LEU D 23 0.79 -0.31 0.90
N LYS D 24 0.90 -0.29 -0.42
CA LYS D 24 -0.16 0.20 -1.28
C LYS D 24 -0.74 -1.00 -2.03
N VAL D 25 -1.99 -1.32 -1.74
CA VAL D 25 -2.71 -2.43 -2.37
C VAL D 25 -3.61 -1.87 -3.45
N THR D 26 -3.51 -2.43 -4.65
CA THR D 26 -4.40 -2.10 -5.75
C THR D 26 -5.03 -3.38 -6.25
N TYR D 27 -6.35 -3.38 -6.40
CA TYR D 27 -7.06 -4.55 -6.91
C TYR D 27 -8.28 -4.10 -7.70
N GLU D 28 -8.68 -4.93 -8.65
CA GLU D 28 -9.86 -4.70 -9.46
C GLU D 28 -10.87 -5.81 -9.20
N TYR D 29 -12.13 -5.44 -9.01
CA TYR D 29 -13.22 -6.39 -8.91
C TYR D 29 -14.14 -6.20 -10.11
N ARG D 30 -14.46 -7.31 -10.79
CA ARG D 30 -15.21 -7.25 -12.03
C ARG D 30 -16.71 -7.41 -11.74
N LYS D 31 -17.24 -6.41 -11.07
CA LYS D 31 -18.67 -6.33 -10.74
C LYS D 31 -19.11 -7.52 -9.89
N SER D 32 -18.19 -8.13 -9.16
CA SER D 32 -18.50 -9.27 -8.31
C SER D 32 -18.49 -8.85 -6.86
N PRO D 33 -19.63 -8.84 -6.16
CA PRO D 33 -19.60 -8.50 -4.72
C PRO D 33 -18.82 -9.51 -3.91
N GLU D 34 -18.78 -10.77 -4.33
CA GLU D 34 -18.02 -11.78 -3.59
C GLU D 34 -16.52 -11.52 -3.68
N ALA D 35 -16.03 -11.11 -4.85
CA ALA D 35 -14.61 -10.82 -5.00
C ALA D 35 -14.22 -9.59 -4.22
N ARG D 36 -15.03 -8.53 -4.27
CA ARG D 36 -14.72 -7.32 -3.52
C ARG D 36 -14.60 -7.61 -2.03
N ARG D 37 -15.55 -8.38 -1.48
CA ARG D 37 -15.50 -8.70 -0.06
C ARG D 37 -14.31 -9.58 0.28
N LEU D 38 -14.03 -10.59 -0.54
CA LEU D 38 -12.90 -11.47 -0.28
C LEU D 38 -11.58 -10.72 -0.34
N ALA D 39 -11.47 -9.75 -1.25
CA ALA D 39 -10.24 -8.97 -1.36
C ALA D 39 -10.03 -8.09 -0.13
N GLU D 40 -11.09 -7.46 0.36
CA GLU D 40 -10.97 -6.61 1.53
C GLU D 40 -10.73 -7.42 2.81
N ASP D 41 -11.28 -8.64 2.87
CA ASP D 41 -11.01 -9.51 4.01
C ASP D 41 -9.55 -9.96 3.99
N LEU D 42 -9.01 -10.25 2.80
CA LEU D 42 -7.60 -10.60 2.71
C LEU D 42 -6.72 -9.43 3.12
N VAL D 43 -7.01 -8.24 2.60
CA VAL D 43 -6.24 -7.06 2.98
C VAL D 43 -6.27 -6.88 4.49
N GLN D 44 -7.46 -6.99 5.09
CA GLN D 44 -7.57 -6.76 6.53
C GLN D 44 -6.85 -7.86 7.31
N ALA D 45 -6.86 -9.10 6.82
CA ALA D 45 -6.15 -10.17 7.50
C ALA D 45 -4.64 -9.92 7.46
N PHE D 46 -4.10 -9.49 6.32
CA PHE D 46 -2.68 -9.25 6.22
C PHE D 46 -2.25 -8.08 7.11
N VAL D 47 -2.99 -6.97 7.07
CA VAL D 47 -2.59 -5.80 7.84
C VAL D 47 -2.83 -6.02 9.32
N ASP D 48 -3.82 -6.83 9.68
CA ASP D 48 -4.02 -7.16 11.09
C ASP D 48 -2.82 -7.92 11.64
N ALA D 49 -2.32 -8.90 10.89
CA ALA D 49 -1.18 -9.68 11.36
C ALA D 49 0.08 -8.82 11.41
N LEU D 50 0.38 -8.12 10.31
CA LEU D 50 1.59 -7.30 10.27
C LEU D 50 1.57 -6.21 11.34
N SER D 51 0.39 -5.61 11.57
CA SER D 51 0.29 -4.53 12.55
C SER D 51 0.59 -5.01 13.97
N SER D 52 0.22 -6.25 14.30
CA SER D 52 0.46 -6.76 15.63
C SER D 52 1.93 -7.12 15.88
N LEU D 53 2.75 -7.15 14.85
CA LEU D 53 4.15 -7.53 15.03
C LEU D 53 4.88 -6.43 15.79
N PRO D 54 5.61 -6.76 16.86
CA PRO D 54 6.24 -5.71 17.68
C PRO D 54 7.54 -5.15 17.11
N PHE D 55 8.12 -5.78 16.09
CA PHE D 55 9.41 -5.36 15.56
C PHE D 55 9.27 -4.62 14.23
N ILE D 56 8.09 -4.08 13.93
CA ILE D 56 7.86 -3.33 12.70
C ILE D 56 6.57 -2.54 12.86
N THR D 57 6.55 -1.37 12.23
CA THR D 57 5.34 -0.55 12.16
C THR D 57 4.81 -0.56 10.73
N VAL D 58 3.49 -0.67 10.60
CA VAL D 58 2.86 -0.90 9.30
C VAL D 58 1.79 0.16 9.06
N GLU D 59 1.87 0.81 7.91
CA GLU D 59 0.80 1.65 7.37
C GLU D 59 0.38 1.05 6.03
N TYR D 60 -0.79 1.46 5.54
CA TYR D 60 -1.24 0.89 4.28
C TYR D 60 -2.27 1.80 3.62
N GLU D 61 -2.34 1.69 2.29
CA GLU D 61 -3.34 2.36 1.47
C GLU D 61 -3.91 1.34 0.51
N VAL D 62 -5.23 1.39 0.30
CA VAL D 62 -5.94 0.48 -0.58
C VAL D 62 -6.65 1.30 -1.64
N GLU D 63 -6.52 0.87 -2.90
CA GLU D 63 -7.14 1.56 -4.03
C GLU D 63 -7.81 0.54 -4.93
N GLU D 64 -9.06 0.81 -5.30
CA GLU D 64 -9.79 0.03 -6.28
C GLU D 64 -9.64 0.68 -7.64
N VAL D 65 -9.32 -0.11 -8.66
CA VAL D 65 -9.15 0.39 -10.02
C VAL D 65 -10.27 -0.17 -10.89
N GLU D 66 -10.64 0.60 -11.91
CA GLU D 66 -11.74 0.21 -12.78
C GLU D 66 -11.34 -0.96 -13.67
N VAL D 67 -12.32 -1.78 -14.01
CA VAL D 67 -12.07 -2.96 -14.83
C VAL D 67 -11.76 -2.54 -16.27
N GLY E 3 18.21 -12.09 -5.87
CA GLY E 3 19.39 -12.85 -5.39
C GLY E 3 19.92 -12.32 -4.07
N MET E 4 21.22 -12.50 -3.84
CA MET E 4 21.87 -12.03 -2.62
C MET E 4 22.99 -11.08 -2.98
N ALA E 5 23.23 -10.11 -2.10
CA ALA E 5 24.29 -9.13 -2.27
C ALA E 5 25.08 -9.01 -0.98
N ARG E 6 26.24 -8.38 -1.08
CA ARG E 6 27.12 -8.19 0.07
C ARG E 6 27.99 -6.96 -0.20
N VAL E 7 28.20 -6.16 0.83
CA VAL E 7 29.01 -4.94 0.73
C VAL E 7 29.98 -4.93 1.90
N GLU E 8 31.25 -5.15 1.61
CA GLU E 8 32.32 -5.02 2.59
C GLU E 8 32.86 -3.60 2.57
N TYR E 9 33.25 -3.10 3.73
CA TYR E 9 33.61 -1.70 3.88
C TYR E 9 34.85 -1.54 4.73
N SER E 10 35.59 -0.46 4.46
CA SER E 10 36.70 -0.02 5.29
C SER E 10 36.88 1.47 5.06
N TYR E 11 37.30 2.19 6.10
CA TYR E 11 37.39 3.64 6.02
C TYR E 11 38.68 4.12 6.68
N GLU E 12 39.13 5.29 6.23
CA GLU E 12 40.33 5.94 6.75
C GLU E 12 40.02 7.42 6.93
N LYS E 13 40.33 7.96 8.10
CA LYS E 13 40.11 9.38 8.37
C LYS E 13 41.31 10.17 7.85
N LEU E 14 41.10 10.94 6.79
CA LEU E 14 42.14 11.79 6.20
C LEU E 14 41.87 13.23 6.67
N ASN E 15 42.70 13.71 7.58
CA ASN E 15 42.45 15.00 8.24
C ASN E 15 41.03 14.96 8.78
N ASP E 16 40.35 16.11 8.78
CA ASP E 16 38.94 16.20 9.17
C ASP E 16 38.14 16.83 8.03
N THR E 17 36.82 16.80 8.17
CA THR E 17 35.91 17.22 7.12
C THR E 17 36.07 16.41 5.84
N HIS E 18 36.72 15.24 5.94
CA HIS E 18 36.91 14.38 4.78
C HIS E 18 37.35 12.99 5.19
N TYR E 19 36.63 11.97 4.71
CA TYR E 19 36.93 10.58 4.96
C TYR E 19 37.21 9.87 3.64
N LYS E 20 37.84 8.70 3.73
CA LYS E 20 38.09 7.86 2.57
C LYS E 20 37.40 6.52 2.80
N LEU E 21 36.43 6.20 1.94
CA LEU E 21 35.60 5.01 2.08
C LEU E 21 35.94 4.02 0.99
N LYS E 22 36.15 2.76 1.39
CA LYS E 22 36.44 1.68 0.46
C LYS E 22 35.33 0.64 0.54
N LEU E 23 34.76 0.29 -0.62
CA LEU E 23 33.64 -0.64 -0.69
C LEU E 23 33.96 -1.76 -1.66
N LYS E 24 33.43 -2.95 -1.36
CA LYS E 24 33.49 -4.08 -2.28
C LYS E 24 32.09 -4.67 -2.37
N VAL E 25 31.45 -4.51 -3.52
CA VAL E 25 30.11 -5.02 -3.75
C VAL E 25 30.22 -6.39 -4.41
N THR E 26 29.50 -7.37 -3.88
CA THR E 26 29.41 -8.71 -4.45
C THR E 26 27.93 -9.07 -4.55
N TYR E 27 27.49 -9.44 -5.75
CA TYR E 27 26.09 -9.76 -5.98
C TYR E 27 25.97 -10.89 -6.99
N GLU E 28 24.84 -11.58 -6.90
CA GLU E 28 24.43 -12.59 -7.87
C GLU E 28 23.06 -12.19 -8.42
N TYR E 29 22.83 -12.47 -9.70
CA TYR E 29 21.59 -12.07 -10.36
C TYR E 29 20.71 -13.26 -10.77
N ARG E 30 21.17 -14.49 -10.52
CA ARG E 30 20.36 -15.68 -10.75
C ARG E 30 19.76 -15.68 -12.16
N LYS E 31 20.63 -15.54 -13.16
CA LYS E 31 20.27 -15.63 -14.57
C LYS E 31 19.19 -14.63 -14.97
N SER E 32 19.02 -13.56 -14.20
CA SER E 32 18.01 -12.55 -14.52
C SER E 32 18.69 -11.33 -15.13
N PRO E 33 18.40 -10.98 -16.39
CA PRO E 33 18.98 -9.75 -16.94
C PRO E 33 18.43 -8.49 -16.30
N GLU E 34 17.15 -8.50 -15.88
CA GLU E 34 16.60 -7.34 -15.18
C GLU E 34 17.31 -7.11 -13.85
N ALA E 35 17.62 -8.19 -13.13
CA ALA E 35 18.31 -8.06 -11.86
C ALA E 35 19.75 -7.59 -12.05
N ARG E 36 20.42 -8.10 -13.08
CA ARG E 36 21.80 -7.67 -13.35
C ARG E 36 21.84 -6.18 -13.62
N ARG E 37 21.01 -5.69 -14.54
CA ARG E 37 20.99 -4.27 -14.86
C ARG E 37 20.62 -3.44 -13.63
N LEU E 38 19.58 -3.85 -12.90
CA LEU E 38 19.14 -3.09 -11.74
C LEU E 38 20.25 -2.98 -10.68
N ALA E 39 20.97 -4.08 -10.44
CA ALA E 39 22.07 -4.04 -9.48
C ALA E 39 23.12 -3.03 -9.90
N GLU E 40 23.50 -3.03 -11.18
CA GLU E 40 24.50 -2.09 -11.66
C GLU E 40 23.97 -0.65 -11.59
N ASP E 41 22.72 -0.43 -11.97
CA ASP E 41 22.13 0.90 -11.85
C ASP E 41 22.11 1.37 -10.40
N LEU E 42 21.80 0.46 -9.48
CA LEU E 42 21.72 0.84 -8.07
C LEU E 42 23.12 1.07 -7.49
N VAL E 43 24.08 0.24 -7.88
CA VAL E 43 25.45 0.44 -7.41
C VAL E 43 25.99 1.78 -7.90
N GLN E 44 25.75 2.10 -9.17
CA GLN E 44 26.23 3.37 -9.72
C GLN E 44 25.55 4.54 -9.04
N ALA E 45 24.26 4.42 -8.72
CA ALA E 45 23.55 5.50 -8.05
C ALA E 45 24.10 5.73 -6.65
N PHE E 46 24.32 4.66 -5.89
CA PHE E 46 24.92 4.80 -4.56
C PHE E 46 26.30 5.47 -4.66
N VAL E 47 27.14 4.98 -5.56
CA VAL E 47 28.50 5.52 -5.69
C VAL E 47 28.45 6.98 -6.10
N ASP E 48 27.62 7.31 -7.09
CA ASP E 48 27.51 8.69 -7.53
C ASP E 48 27.07 9.60 -6.38
N ALA E 49 26.13 9.12 -5.56
CA ALA E 49 25.64 9.93 -4.45
C ALA E 49 26.71 10.13 -3.39
N LEU E 50 27.35 9.03 -2.97
CA LEU E 50 28.36 9.13 -1.91
C LEU E 50 29.57 9.94 -2.37
N SER E 51 30.01 9.75 -3.61
CA SER E 51 31.19 10.46 -4.09
C SER E 51 30.92 11.96 -4.24
N SER E 52 29.66 12.38 -4.33
CA SER E 52 29.33 13.80 -4.39
C SER E 52 29.35 14.46 -3.02
N LEU E 53 29.36 13.69 -1.95
CA LEU E 53 29.44 14.27 -0.61
C LEU E 53 30.82 14.89 -0.40
N PRO E 54 30.91 16.16 0.01
CA PRO E 54 32.24 16.79 0.11
C PRO E 54 33.16 16.13 1.11
N PHE E 55 32.62 15.43 2.11
CA PHE E 55 33.40 14.85 3.19
C PHE E 55 33.63 13.35 3.02
N ILE E 56 33.49 12.83 1.81
CA ILE E 56 33.71 11.42 1.53
C ILE E 56 34.45 11.28 0.20
N THR E 57 35.45 10.42 0.18
CA THR E 57 36.11 9.98 -1.03
C THR E 57 35.87 8.48 -1.18
N VAL E 58 35.38 8.07 -2.35
CA VAL E 58 34.88 6.72 -2.56
C VAL E 58 35.83 5.98 -3.51
N GLU E 59 36.26 4.80 -3.09
CA GLU E 59 36.92 3.83 -3.95
C GLU E 59 36.19 2.51 -3.78
N TYR E 60 35.81 1.86 -4.89
CA TYR E 60 34.97 0.68 -4.78
C TYR E 60 35.33 -0.34 -5.84
N GLU E 61 34.89 -1.57 -5.59
CA GLU E 61 35.06 -2.71 -6.49
C GLU E 61 33.75 -3.48 -6.52
N VAL E 62 33.37 -3.94 -7.70
CA VAL E 62 32.15 -4.72 -7.90
C VAL E 62 32.54 -6.08 -8.46
N GLU E 63 31.94 -7.14 -7.91
CA GLU E 63 32.24 -8.50 -8.32
C GLU E 63 30.95 -9.30 -8.45
N GLU E 64 30.85 -10.07 -9.52
CA GLU E 64 29.74 -10.98 -9.73
C GLU E 64 30.16 -12.40 -9.33
N VAL E 65 29.24 -13.09 -8.68
CA VAL E 65 29.56 -14.39 -8.14
C VAL E 65 28.48 -15.39 -8.51
N GLU E 66 27.92 -15.30 -9.70
CA GLU E 66 26.89 -16.22 -10.24
C GLU E 66 25.60 -15.43 -10.45
N GLY F 3 -15.77 -14.19 1.04
CA GLY F 3 -16.05 -14.86 2.35
C GLY F 3 -15.30 -14.24 3.51
N MET F 4 -14.22 -14.90 3.93
CA MET F 4 -13.41 -14.42 5.03
C MET F 4 -12.06 -15.11 4.95
N ALA F 5 -11.05 -14.47 5.54
CA ALA F 5 -9.68 -14.95 5.45
C ALA F 5 -8.96 -14.73 6.77
N ARG F 6 -7.98 -15.60 7.04
CA ARG F 6 -7.19 -15.56 8.26
C ARG F 6 -5.72 -15.63 7.89
N VAL F 7 -4.90 -14.84 8.58
CA VAL F 7 -3.45 -14.85 8.42
C VAL F 7 -2.85 -15.06 9.81
N GLU F 8 -2.33 -16.25 10.04
CA GLU F 8 -1.65 -16.51 11.30
C GLU F 8 -0.17 -16.51 11.02
N TYR F 9 0.63 -16.21 12.02
CA TYR F 9 2.06 -16.09 11.84
C TYR F 9 2.81 -16.70 13.02
N SER F 10 4.06 -17.03 12.75
CA SER F 10 5.07 -17.34 13.75
C SER F 10 6.36 -16.68 13.31
N TYR F 11 7.20 -16.30 14.28
CA TYR F 11 8.46 -15.67 13.93
C TYR F 11 9.53 -16.09 14.93
N GLU F 12 10.78 -15.99 14.47
CA GLU F 12 11.94 -16.40 15.23
C GLU F 12 12.99 -15.31 15.21
N LYS F 13 13.75 -15.20 16.29
CA LYS F 13 14.79 -14.19 16.43
C LYS F 13 16.00 -14.83 17.11
N LEU F 14 17.07 -15.02 16.35
CA LEU F 14 18.33 -15.52 16.88
C LEU F 14 19.32 -14.38 16.99
N ASN F 15 20.47 -14.66 17.59
CA ASN F 15 21.48 -13.64 17.80
C ASN F 15 22.07 -13.20 16.46
N ASP F 16 22.16 -11.89 16.26
CA ASP F 16 22.75 -11.31 15.05
C ASP F 16 22.02 -11.78 13.79
N THR F 17 20.70 -11.96 13.89
CA THR F 17 19.91 -12.47 12.79
C THR F 17 18.62 -11.67 12.67
N HIS F 18 18.24 -11.36 11.44
CA HIS F 18 16.95 -10.73 11.20
C HIS F 18 15.83 -11.62 11.75
N TYR F 19 14.67 -11.01 11.94
CA TYR F 19 13.49 -11.78 12.27
C TYR F 19 13.08 -12.63 11.07
N LYS F 20 12.82 -13.91 11.31
CA LYS F 20 12.28 -14.81 10.30
C LYS F 20 10.79 -14.95 10.54
N LEU F 21 9.99 -14.51 9.56
CA LEU F 21 8.54 -14.47 9.68
C LEU F 21 7.92 -15.55 8.81
N LYS F 22 6.99 -16.32 9.37
CA LYS F 22 6.28 -17.36 8.63
C LYS F 22 4.80 -17.06 8.68
N LEU F 23 4.19 -16.90 7.51
CA LEU F 23 2.78 -16.58 7.39
C LEU F 23 2.00 -17.82 6.97
N LYS F 24 0.84 -18.03 7.59
CA LYS F 24 -0.10 -19.05 7.19
C LYS F 24 -1.39 -18.35 6.77
N VAL F 25 -1.69 -18.41 5.47
CA VAL F 25 -2.84 -17.72 4.89
C VAL F 25 -3.89 -18.75 4.53
N THR F 26 -5.11 -18.55 5.04
CA THR F 26 -6.23 -19.43 4.78
C THR F 26 -7.45 -18.58 4.44
N TYR F 27 -8.07 -18.86 3.30
CA TYR F 27 -9.28 -18.16 2.88
C TYR F 27 -10.26 -19.16 2.28
N GLU F 28 -11.54 -18.77 2.29
CA GLU F 28 -12.61 -19.66 1.88
C GLU F 28 -12.67 -19.80 0.37
N TYR F 29 -13.06 -20.99 -0.08
CA TYR F 29 -13.31 -21.27 -1.49
C TYR F 29 -14.69 -20.72 -1.84
N ARG F 30 -14.72 -19.48 -2.32
CA ARG F 30 -15.99 -18.87 -2.66
C ARG F 30 -16.49 -19.39 -4.01
N LYS F 31 -17.79 -19.17 -4.25
CA LYS F 31 -18.43 -19.72 -5.45
C LYS F 31 -17.97 -18.97 -6.70
N SER F 32 -18.10 -17.65 -6.71
CA SER F 32 -17.81 -16.88 -7.90
C SER F 32 -16.36 -17.10 -8.34
N PRO F 33 -16.10 -17.42 -9.61
CA PRO F 33 -14.72 -17.61 -10.05
C PRO F 33 -13.90 -16.32 -10.09
N GLU F 34 -14.56 -15.15 -10.11
CA GLU F 34 -13.82 -13.90 -10.05
C GLU F 34 -13.22 -13.68 -8.67
N ALA F 35 -13.96 -14.05 -7.62
CA ALA F 35 -13.40 -14.01 -6.27
C ALA F 35 -12.22 -14.97 -6.15
N ARG F 36 -12.27 -16.09 -6.87
CA ARG F 36 -11.19 -17.08 -6.76
C ARG F 36 -9.92 -16.58 -7.42
N ARG F 37 -10.03 -15.96 -8.60
CA ARG F 37 -8.84 -15.44 -9.27
C ARG F 37 -8.28 -14.24 -8.53
N LEU F 38 -9.14 -13.31 -8.11
CA LEU F 38 -8.67 -12.11 -7.43
C LEU F 38 -7.94 -12.46 -6.13
N ALA F 39 -8.46 -13.44 -5.38
CA ALA F 39 -7.79 -13.84 -4.14
C ALA F 39 -6.41 -14.40 -4.42
N GLU F 40 -6.29 -15.23 -5.47
CA GLU F 40 -4.99 -15.81 -5.79
C GLU F 40 -4.00 -14.76 -6.25
N ASP F 41 -4.47 -13.75 -6.98
CA ASP F 41 -3.59 -12.66 -7.40
C ASP F 41 -3.24 -11.75 -6.25
N LEU F 42 -4.17 -11.57 -5.30
CA LEU F 42 -3.91 -10.68 -4.17
C LEU F 42 -2.97 -11.34 -3.16
N VAL F 43 -3.21 -12.62 -2.85
CA VAL F 43 -2.31 -13.33 -1.92
C VAL F 43 -0.91 -13.42 -2.51
N GLN F 44 -0.80 -13.73 -3.81
CA GLN F 44 0.51 -13.84 -4.43
C GLN F 44 1.24 -12.50 -4.41
N ALA F 45 0.52 -11.41 -4.71
CA ALA F 45 1.14 -10.09 -4.66
C ALA F 45 1.63 -9.78 -3.26
N PHE F 46 0.83 -10.11 -2.23
CA PHE F 46 1.23 -9.83 -0.85
C PHE F 46 2.52 -10.56 -0.50
N VAL F 47 2.55 -11.87 -0.70
CA VAL F 47 3.72 -12.65 -0.27
C VAL F 47 4.94 -12.32 -1.11
N ASP F 48 4.75 -11.97 -2.39
CA ASP F 48 5.89 -11.56 -3.21
C ASP F 48 6.50 -10.26 -2.69
N ALA F 49 5.66 -9.29 -2.34
CA ALA F 49 6.17 -8.03 -1.81
C ALA F 49 6.88 -8.26 -0.47
N LEU F 50 6.25 -9.03 0.42
CA LEU F 50 6.81 -9.24 1.76
C LEU F 50 8.09 -10.05 1.71
N SER F 51 8.15 -11.06 0.83
CA SER F 51 9.34 -11.90 0.77
C SER F 51 10.54 -11.18 0.16
N SER F 52 10.31 -10.07 -0.54
CA SER F 52 11.40 -9.28 -1.08
C SER F 52 12.01 -8.34 -0.05
N LEU F 53 11.39 -8.20 1.12
CA LEU F 53 11.91 -7.30 2.13
C LEU F 53 13.27 -7.82 2.61
N PRO F 54 14.29 -6.96 2.68
CA PRO F 54 15.64 -7.45 3.00
C PRO F 54 15.92 -7.55 4.49
N PHE F 55 15.21 -6.75 5.28
CA PHE F 55 15.39 -6.71 6.72
C PHE F 55 14.56 -7.76 7.44
N ILE F 56 13.79 -8.58 6.72
CA ILE F 56 13.02 -9.66 7.31
C ILE F 56 12.98 -10.82 6.33
N THR F 57 13.11 -12.03 6.86
CA THR F 57 12.98 -13.25 6.08
C THR F 57 11.55 -13.76 6.21
N VAL F 58 10.82 -13.82 5.09
CA VAL F 58 9.41 -14.16 5.08
C VAL F 58 9.23 -15.50 4.37
N GLU F 59 8.57 -16.43 5.05
CA GLU F 59 8.10 -17.68 4.46
C GLU F 59 6.58 -17.72 4.59
N TYR F 60 5.95 -18.53 3.74
CA TYR F 60 4.49 -18.53 3.70
C TYR F 60 3.97 -19.87 3.22
N GLU F 61 2.76 -20.20 3.66
CA GLU F 61 2.00 -21.33 3.14
C GLU F 61 0.55 -20.89 3.01
N VAL F 62 -0.02 -21.09 1.83
CA VAL F 62 -1.38 -20.65 1.52
C VAL F 62 -2.27 -21.86 1.40
N GLU F 63 -3.52 -21.72 1.84
CA GLU F 63 -4.47 -22.83 1.83
C GLU F 63 -5.86 -22.27 1.51
N GLU F 64 -6.34 -22.55 0.31
CA GLU F 64 -7.69 -22.17 -0.09
C GLU F 64 -8.63 -23.30 0.30
N VAL F 65 -9.49 -23.06 1.28
CA VAL F 65 -10.42 -24.06 1.78
C VAL F 65 -11.75 -23.93 1.04
#